data_2O4I
#
_entry.id   2O4I
#
_cell.length_a   80.758
_cell.length_b   80.758
_cell.length_c   171.220
_cell.angle_alpha   90.00
_cell.angle_beta   90.00
_cell.angle_gamma   90.00
#
_symmetry.space_group_name_H-M   'P 43 21 2'
#
loop_
_entity.id
_entity.type
_entity.pdbx_description
1 polymer "5'-D(*GP*CP*TP*AP*GP*GP*CP*AP*GP*GP*AP*AP*CP*CP*CP*CP*TP*CP*CP*TP*CP*CP*CP*CP*T)-3'"
2 polymer 'Three prime repair exonuclease 1'
#
loop_
_entity_poly.entity_id
_entity_poly.type
_entity_poly.pdbx_seq_one_letter_code
_entity_poly.pdbx_strand_id
1 'polydeoxyribonucleotide'
;(DG)(DC)(DT)(DA)(DG)(DG)(DC)(DA)(DG)(DG)(DA)(DA)(DC)(DC)(DC)(DC)(DT)(DC)(DC)(DT)
(DC)(DC)(DC)(DC)(DT)
;
C,D
2 'polypeptide(L)'
;MKHHHHHHPMGHMQTLIFLDLEATGLPSSRPEVTELCLLAVHRRALENTSISQGHPPPVPRPPRVVDKLSLCIAPGKACS
PGASEITGLSKAELEVQGRQRFDDNLAILLRAFLQRQPQPCCLVAHNGDRYDFPLLQTELARLSTPSPLDGTFCVDSIAA
LKALEQASSPSGNGSRKSYSLGSIYTRLYWQAPTDSATAEGDVLTLLSICQWKPQALLQWVDEHARPFSTVKPMYGTPAT
TGTTNLR
;
A,B
#
loop_
_chem_comp.id
_chem_comp.type
_chem_comp.name
_chem_comp.formula
DA DNA linking 2'-DEOXYADENOSINE-5'-MONOPHOSPHATE 'C10 H14 N5 O6 P'
DC DNA linking 2'-DEOXYCYTIDINE-5'-MONOPHOSPHATE 'C9 H14 N3 O7 P'
DG DNA linking 2'-DEOXYGUANOSINE-5'-MONOPHOSPHATE 'C10 H14 N5 O7 P'
DT DNA linking THYMIDINE-5'-MONOPHOSPHATE 'C10 H15 N2 O8 P'
#
# COMPACT_ATOMS: atom_id res chain seq x y z
N GLY C 11 -17.15 17.24 -13.10
CA GLY C 11 -18.47 17.58 -12.51
C GLY C 11 -19.14 16.40 -11.79
N HIS C 12 -18.33 15.45 -11.34
CA HIS C 12 -18.81 14.23 -10.66
C HIS C 12 -17.61 13.35 -10.33
N MET C 13 -17.40 13.06 -9.04
CA MET C 13 -16.18 12.36 -8.61
C MET C 13 -16.28 10.85 -8.78
N GLN C 14 -15.33 10.29 -9.51
CA GLN C 14 -15.31 8.85 -9.81
C GLN C 14 -14.43 8.05 -8.84
N THR C 15 -13.41 8.68 -8.27
CA THR C 15 -12.51 8.00 -7.34
C THR C 15 -12.10 8.90 -6.18
N LEU C 16 -12.47 8.51 -4.96
CA LEU C 16 -12.05 9.21 -3.76
C LEU C 16 -10.72 8.64 -3.28
N ILE C 17 -9.68 9.49 -3.24
CA ILE C 17 -8.36 9.09 -2.78
C ILE C 17 -8.18 9.56 -1.33
N PHE C 18 -8.22 8.63 -0.39
CA PHE C 18 -8.06 8.94 1.03
C PHE C 18 -6.58 9.13 1.34
N LEU C 19 -6.25 10.33 1.83
CA LEU C 19 -4.86 10.76 1.98
C LEU C 19 -4.56 11.17 3.42
N ASP C 20 -3.37 10.86 3.89
CA ASP C 20 -2.87 11.39 5.16
C ASP C 20 -1.35 11.37 5.19
N LEU C 21 -0.77 12.38 5.85
CA LEU C 21 0.67 12.50 5.98
C LEU C 21 1.08 12.50 7.44
N GLU C 22 2.27 11.97 7.71
CA GLU C 22 2.94 12.14 9.00
C GLU C 22 4.17 13.01 8.75
N ALA C 23 4.38 14.00 9.61
CA ALA C 23 5.43 15.00 9.40
C ALA C 23 6.31 15.17 10.65
N THR C 24 7.27 16.08 10.55
CA THR C 24 8.20 16.35 11.65
C THR C 24 7.60 17.22 12.75
N GLY C 25 6.49 17.91 12.46
CA GLY C 25 5.84 18.74 13.46
C GLY C 25 4.62 19.51 12.96
N LEU C 26 4.16 20.44 13.80
CA LEU C 26 3.00 21.28 13.50
C LEU C 26 3.37 22.38 12.50
N PRO C 27 2.35 23.01 11.87
CA PRO C 27 2.62 24.06 10.88
C PRO C 27 3.56 25.18 11.34
N SER C 28 3.44 25.57 12.61
CA SER C 28 4.27 26.64 13.17
C SER C 28 5.77 26.31 13.17
N SER C 29 6.10 25.02 13.12
CA SER C 29 7.50 24.58 13.10
C SER C 29 8.06 24.38 11.69
N ARG C 30 7.27 24.71 10.66
CA ARG C 30 7.68 24.55 9.25
C ARG C 30 8.12 23.10 8.97
N PRO C 31 7.16 22.16 9.00
CA PRO C 31 7.49 20.74 8.98
C PRO C 31 7.80 20.18 7.59
N GLU C 32 8.33 18.95 7.57
CA GLU C 32 8.57 18.20 6.34
C GLU C 32 8.01 16.79 6.49
N VAL C 33 7.51 16.23 5.38
CA VAL C 33 6.82 14.95 5.41
C VAL C 33 7.77 13.78 5.70
N THR C 34 7.42 12.98 6.71
CA THR C 34 8.18 11.79 7.05
C THR C 34 7.55 10.51 6.51
N GLU C 35 6.23 10.56 6.25
CA GLU C 35 5.51 9.40 5.72
C GLU C 35 4.19 9.85 5.09
N LEU C 36 3.80 9.20 4.00
CA LEU C 36 2.51 9.45 3.36
C LEU C 36 1.80 8.15 2.99
N CYS C 37 0.48 8.23 2.85
CA CYS C 37 -0.33 7.10 2.43
C CYS C 37 -1.56 7.52 1.64
N LEU C 38 -1.66 7.04 0.40
CA LEU C 38 -2.84 7.24 -0.44
C LEU C 38 -3.62 5.93 -0.51
N LEU C 39 -4.95 6.03 -0.54
CA LEU C 39 -5.83 4.88 -0.65
C LEU C 39 -6.97 5.20 -1.60
N ALA C 40 -6.82 4.79 -2.86
CA ALA C 40 -7.80 5.09 -3.90
C ALA C 40 -8.96 4.10 -3.84
N VAL C 41 -10.17 4.64 -3.88
CA VAL C 41 -11.40 3.83 -3.89
C VAL C 41 -12.41 4.45 -4.84
N HIS C 42 -12.99 3.61 -5.71
CA HIS C 42 -13.95 4.06 -6.71
C HIS C 42 -15.26 4.51 -6.05
N ARG C 43 -15.98 5.41 -6.72
CA ARG C 43 -17.29 5.89 -6.26
C ARG C 43 -18.20 4.73 -5.86
N ARG C 44 -18.33 3.77 -6.77
CA ARG C 44 -19.27 2.66 -6.62
C ARG C 44 -18.86 1.67 -5.52
N ALA C 45 -17.58 1.69 -5.15
CA ALA C 45 -17.09 0.88 -4.04
C ALA C 45 -17.72 1.34 -2.72
N LEU C 46 -17.78 2.65 -2.53
CA LEU C 46 -18.43 3.24 -1.34
C LEU C 46 -19.95 3.08 -1.39
N GLU C 47 -20.54 3.32 -2.55
CA GLU C 47 -21.99 3.15 -2.71
C GLU C 47 -22.42 1.73 -2.35
N ASN C 48 -21.63 0.75 -2.77
CA ASN C 48 -21.82 -0.64 -2.33
C ASN C 48 -21.16 -0.87 -0.96
N THR C 49 -21.80 -0.34 0.08
CA THR C 49 -21.33 -0.50 1.45
C THR C 49 -22.53 -0.48 2.41
N SER C 50 -22.41 -1.18 3.52
CA SER C 50 -23.48 -1.28 4.51
C SER C 50 -23.71 0.04 5.21
N ILE C 51 -24.97 0.49 5.26
CA ILE C 51 -25.35 1.64 6.07
C ILE C 51 -25.25 1.21 7.54
N SER C 52 -24.43 1.92 8.30
CA SER C 52 -24.10 1.54 9.68
C SER C 52 -25.33 1.60 10.58
N GLN C 53 -25.89 0.43 10.87
CA GLN C 53 -27.04 0.30 11.76
C GLN C 53 -26.70 -0.55 12.98
N GLY C 54 -27.54 -0.46 14.00
CA GLY C 54 -27.30 -1.13 15.28
C GLY C 54 -26.68 -0.17 16.27
N HIS C 55 -26.84 -0.48 17.56
CA HIS C 55 -26.29 0.35 18.63
C HIS C 55 -25.42 -0.51 19.56
N PRO C 56 -24.09 -0.46 19.36
CA PRO C 56 -23.32 0.30 18.38
C PRO C 56 -23.27 -0.43 17.04
N PRO C 57 -23.03 0.32 15.95
CA PRO C 57 -22.84 -0.31 14.63
C PRO C 57 -21.45 -0.92 14.49
N PRO C 58 -21.32 -1.98 13.70
CA PRO C 58 -20.00 -2.59 13.48
C PRO C 58 -19.13 -1.73 12.56
N VAL C 59 -17.81 -1.86 12.70
CA VAL C 59 -16.87 -1.12 11.85
C VAL C 59 -16.97 -1.68 10.43
N PRO C 60 -17.34 -0.82 9.46
CA PRO C 60 -17.53 -1.31 8.09
C PRO C 60 -16.26 -1.90 7.47
N ARG C 61 -16.43 -2.99 6.73
CA ARG C 61 -15.32 -3.64 6.03
C ARG C 61 -14.84 -2.73 4.90
N PRO C 62 -13.52 -2.53 4.77
CA PRO C 62 -13.03 -1.82 3.61
C PRO C 62 -13.38 -2.55 2.29
N PRO C 63 -13.60 -1.79 1.19
CA PRO C 63 -13.95 -2.42 -0.08
C PRO C 63 -12.86 -3.35 -0.62
N ARG C 64 -13.25 -4.32 -1.44
CA ARG C 64 -12.31 -5.28 -1.98
C ARG C 64 -11.35 -4.63 -2.97
N VAL C 65 -11.91 -4.07 -4.05
CA VAL C 65 -11.10 -3.43 -5.09
C VAL C 65 -10.64 -2.05 -4.60
N VAL C 66 -9.37 -1.97 -4.22
CA VAL C 66 -8.79 -0.73 -3.66
C VAL C 66 -7.30 -0.63 -3.95
N ASP C 67 -6.88 0.47 -4.59
CA ASP C 67 -5.46 0.75 -4.80
C ASP C 67 -4.89 1.48 -3.59
N LYS C 68 -3.69 1.09 -3.17
CA LYS C 68 -3.07 1.66 -1.97
C LYS C 68 -1.58 1.92 -2.19
N LEU C 69 -1.06 2.97 -1.57
CA LEU C 69 0.37 3.31 -1.63
C LEU C 69 0.81 3.95 -0.32
N SER C 70 1.67 3.25 0.42
CA SER C 70 2.24 3.76 1.66
C SER C 70 3.76 3.87 1.50
N LEU C 71 4.29 5.08 1.70
CA LEU C 71 5.72 5.35 1.50
C LEU C 71 6.32 6.08 2.69
N CYS C 72 7.58 5.76 2.98
CA CYS C 72 8.34 6.47 4.01
C CYS C 72 9.35 7.41 3.34
N ILE C 73 9.52 8.58 3.94
CA ILE C 73 10.32 9.66 3.36
C ILE C 73 11.30 10.22 4.40
N ALA C 74 12.52 10.50 3.97
CA ALA C 74 13.53 11.10 4.85
C ALA C 74 13.37 12.62 4.83
N PRO C 75 13.12 13.23 5.99
CA PRO C 75 13.02 14.69 6.04
C PRO C 75 14.40 15.36 6.08
N GLY C 76 14.46 16.61 5.65
CA GLY C 76 15.70 17.38 5.66
C GLY C 76 16.09 17.91 7.03
N LYS C 77 15.17 17.86 7.98
CA LYS C 77 15.40 18.36 9.34
C LYS C 77 14.89 17.39 10.41
N ALA C 78 15.34 17.59 11.64
CA ALA C 78 15.01 16.70 12.75
C ALA C 78 13.54 16.82 13.17
N CYS C 79 13.03 15.75 13.77
CA CYS C 79 11.65 15.71 14.27
C CYS C 79 11.59 16.22 15.71
N SER C 80 10.47 16.81 16.08
CA SER C 80 10.26 17.26 17.46
C SER C 80 9.98 16.05 18.36
N PRO C 81 10.35 16.14 19.66
CA PRO C 81 10.16 15.02 20.58
C PRO C 81 8.72 14.50 20.65
N GLY C 82 7.75 15.41 20.61
CA GLY C 82 6.33 15.06 20.64
C GLY C 82 5.85 14.37 19.38
N ALA C 83 6.33 14.87 18.23
CA ALA C 83 5.99 14.26 16.94
C ALA C 83 6.69 12.91 16.75
N SER C 84 7.92 12.80 17.26
CA SER C 84 8.70 11.56 17.17
C SER C 84 8.06 10.42 17.97
N GLU C 85 7.53 10.75 19.15
CA GLU C 85 7.01 9.73 20.06
C GLU C 85 5.71 9.11 19.54
N ILE C 86 4.76 9.95 19.13
CA ILE C 86 3.46 9.46 18.67
C ILE C 86 3.59 8.63 17.39
N THR C 87 4.34 9.14 16.41
CA THR C 87 4.53 8.45 15.15
C THR C 87 5.52 7.29 15.29
N GLY C 88 6.45 7.41 16.22
CA GLY C 88 7.49 6.41 16.41
C GLY C 88 8.52 6.43 15.29
N LEU C 89 8.82 7.64 14.81
CA LEU C 89 9.75 7.83 13.70
C LEU C 89 10.81 8.88 14.06
N SER C 90 11.94 8.83 13.36
CA SER C 90 12.99 9.84 13.50
C SER C 90 13.81 9.93 12.22
N LYS C 91 14.44 11.09 12.02
CA LYS C 91 15.30 11.32 10.84
C LYS C 91 16.49 10.35 10.85
N ALA C 92 17.03 10.08 12.03
CA ALA C 92 18.15 9.13 12.18
C ALA C 92 17.79 7.73 11.69
N GLU C 93 16.60 7.26 12.06
CA GLU C 93 16.15 5.92 11.67
C GLU C 93 15.77 5.85 10.18
N LEU C 94 15.14 6.91 9.68
CA LEU C 94 14.75 6.95 8.27
C LEU C 94 15.98 6.99 7.35
N GLU C 95 17.00 7.75 7.75
CA GLU C 95 18.25 7.84 7.00
C GLU C 95 19.00 6.51 6.95
N VAL C 96 19.06 5.83 8.10
CA VAL C 96 19.82 4.58 8.21
C VAL C 96 19.21 3.43 7.40
N GLN C 97 17.89 3.47 7.19
CA GLN C 97 17.20 2.49 6.35
C GLN C 97 17.12 2.93 4.88
N GLY C 98 17.81 4.01 4.53
CA GLY C 98 17.99 4.42 3.15
C GLY C 98 16.77 5.02 2.48
N ARG C 99 15.89 5.64 3.27
CA ARG C 99 14.72 6.30 2.72
C ARG C 99 15.16 7.60 2.05
N GLN C 100 14.78 7.78 0.80
CA GLN C 100 15.17 8.98 0.03
C GLN C 100 14.35 10.20 0.46
N ARG C 101 14.78 11.37 -0.01
CA ARG C 101 14.11 12.62 0.33
C ARG C 101 12.81 12.77 -0.44
N PHE C 102 12.07 13.84 -0.17
CA PHE C 102 10.91 14.19 -0.98
C PHE C 102 11.43 14.76 -2.30
N ASP C 103 11.64 13.86 -3.28
CA ASP C 103 12.33 14.21 -4.52
C ASP C 103 11.41 14.15 -5.75
N ASP C 104 11.96 14.48 -6.91
CA ASP C 104 11.21 14.46 -8.17
C ASP C 104 10.67 13.07 -8.51
N ASN C 105 11.43 12.04 -8.13
CA ASN C 105 11.01 10.65 -8.32
C ASN C 105 9.68 10.35 -7.62
N LEU C 106 9.50 10.92 -6.42
CA LEU C 106 8.26 10.73 -5.66
C LEU C 106 7.06 11.34 -6.40
N ALA C 107 7.27 12.50 -7.02
CA ALA C 107 6.21 13.17 -7.77
C ALA C 107 5.76 12.34 -8.97
N ILE C 108 6.71 11.67 -9.62
CA ILE C 108 6.42 10.78 -10.74
C ILE C 108 5.60 9.58 -10.25
N LEU C 109 5.99 9.04 -9.10
CA LEU C 109 5.30 7.90 -8.50
C LEU C 109 3.85 8.23 -8.17
N LEU C 110 3.61 9.43 -7.67
CA LEU C 110 2.25 9.89 -7.37
C LEU C 110 1.43 10.03 -8.64
N ARG C 111 2.02 10.68 -9.65
CA ARG C 111 1.35 10.93 -10.92
C ARG C 111 0.95 9.62 -11.61
N ALA C 112 1.87 8.66 -11.58
CA ALA C 112 1.62 7.33 -12.16
C ALA C 112 0.50 6.62 -11.42
N PHE C 113 0.50 6.74 -10.09
CA PHE C 113 -0.55 6.15 -9.25
C PHE C 113 -1.89 6.83 -9.49
N LEU C 114 -1.87 8.16 -9.58
CA LEU C 114 -3.09 8.94 -9.79
C LEU C 114 -3.75 8.64 -11.14
N GLN C 115 -2.93 8.54 -12.19
CA GLN C 115 -3.43 8.34 -13.54
C GLN C 115 -4.21 7.03 -13.70
N ARG C 116 -3.84 6.02 -12.92
CA ARG C 116 -4.58 4.75 -12.89
C ARG C 116 -6.01 4.93 -12.38
N GLN C 117 -6.19 5.87 -11.47
CA GLN C 117 -7.51 6.09 -10.85
C GLN C 117 -8.41 6.88 -11.80
N PRO C 118 -9.60 6.34 -12.12
CA PRO C 118 -10.57 7.02 -12.97
C PRO C 118 -10.83 8.47 -12.57
N GLN C 119 -10.57 9.38 -13.51
CA GLN C 119 -10.78 10.81 -13.27
C GLN C 119 -12.26 11.16 -13.38
N PRO C 120 -12.70 12.23 -12.69
CA PRO C 120 -11.91 13.07 -11.78
C PRO C 120 -11.82 12.48 -10.39
N CYS C 121 -10.61 12.46 -9.83
CA CYS C 121 -10.40 11.96 -8.47
C CYS C 121 -10.30 13.11 -7.48
N CYS C 122 -10.82 12.89 -6.27
CA CYS C 122 -10.79 13.91 -5.21
C CYS C 122 -10.07 13.39 -3.98
N LEU C 123 -9.05 14.12 -3.54
CA LEU C 123 -8.32 13.79 -2.32
C LEU C 123 -9.19 14.02 -1.11
N VAL C 124 -8.98 13.21 -0.07
CA VAL C 124 -9.71 13.35 1.19
C VAL C 124 -8.72 13.20 2.35
N ALA C 125 -8.58 14.27 3.14
CA ALA C 125 -7.66 14.27 4.28
C ALA C 125 -8.28 14.97 5.48
N HIS C 126 -8.08 14.41 6.67
CA HIS C 126 -8.65 14.96 7.89
C HIS C 126 -7.86 16.18 8.34
N ASN C 127 -8.57 17.30 8.51
CA ASN C 127 -7.95 18.61 8.69
C ASN C 127 -7.02 18.92 7.51
N GLY C 128 -7.47 18.53 6.32
CA GLY C 128 -6.68 18.65 5.10
C GLY C 128 -6.51 20.08 4.62
N ASP C 129 -7.58 20.87 4.69
CA ASP C 129 -7.54 22.26 4.26
C ASP C 129 -6.58 23.12 5.11
N ARG C 130 -6.30 22.68 6.33
CA ARG C 130 -5.40 23.40 7.23
C ARG C 130 -4.06 22.72 7.49
N TYR C 131 -3.87 21.48 7.04
CA TYR C 131 -2.61 20.76 7.28
C TYR C 131 -2.13 19.93 6.11
N ASP C 132 -2.83 18.83 5.80
CA ASP C 132 -2.32 17.84 4.84
C ASP C 132 -2.17 18.38 3.41
N PHE C 133 -3.07 19.27 2.98
CA PHE C 133 -2.99 19.82 1.62
C PHE C 133 -1.94 20.92 1.48
N PRO C 134 -1.99 21.97 2.34
CA PRO C 134 -0.96 23.02 2.28
C PRO C 134 0.47 22.52 2.43
N LEU C 135 0.68 21.51 3.28
CA LEU C 135 2.01 20.92 3.48
C LEU C 135 2.44 20.19 2.22
N LEU C 136 1.56 19.34 1.69
CA LEU C 136 1.82 18.61 0.46
C LEU C 136 2.10 19.56 -0.71
N GLN C 137 1.37 20.67 -0.74
CA GLN C 137 1.57 21.71 -1.75
C GLN C 137 2.95 22.36 -1.60
N THR C 138 3.35 22.61 -0.36
CA THR C 138 4.65 23.22 -0.06
C THR C 138 5.81 22.28 -0.42
N GLU C 139 5.61 20.98 -0.19
CA GLU C 139 6.61 19.98 -0.55
C GLU C 139 6.74 19.82 -2.07
N LEU C 140 5.60 19.92 -2.77
CA LEU C 140 5.59 19.89 -4.24
C LEU C 140 6.14 21.19 -4.84
N ALA C 141 6.06 22.28 -4.08
CA ALA C 141 6.61 23.56 -4.49
C ALA C 141 8.14 23.53 -4.59
N ARG C 142 8.78 22.75 -3.72
CA ARG C 142 10.23 22.57 -3.75
C ARG C 142 10.70 21.84 -5.02
N LEU C 143 9.88 20.91 -5.52
CA LEU C 143 10.26 20.07 -6.65
C LEU C 143 10.30 20.87 -7.96
N SER C 144 11.32 20.60 -8.78
CA SER C 144 11.49 21.27 -10.06
C SER C 144 10.44 20.83 -11.09
N THR C 145 9.93 19.61 -10.94
CA THR C 145 8.89 19.10 -11.83
C THR C 145 7.54 19.73 -11.48
N PRO C 146 6.58 19.74 -12.45
CA PRO C 146 5.23 20.24 -12.16
C PRO C 146 4.48 19.38 -11.15
N SER C 147 3.40 19.93 -10.58
CA SER C 147 2.61 19.22 -9.58
C SER C 147 1.80 18.09 -10.24
N PRO C 148 1.92 16.86 -9.70
CA PRO C 148 1.17 15.73 -10.24
C PRO C 148 -0.30 15.73 -9.82
N LEU C 149 -0.62 16.51 -8.78
CA LEU C 149 -2.00 16.66 -8.31
C LEU C 149 -2.67 17.88 -8.95
N ASP C 150 -2.39 18.12 -10.22
CA ASP C 150 -2.89 19.31 -10.90
C ASP C 150 -4.37 19.17 -11.22
N GLY C 151 -4.71 18.10 -11.93
CA GLY C 151 -6.10 17.84 -12.33
C GLY C 151 -7.00 17.34 -11.21
N THR C 152 -6.40 16.86 -10.13
CA THR C 152 -7.14 16.28 -9.01
C THR C 152 -7.86 17.34 -8.18
N PHE C 153 -8.92 16.91 -7.50
CA PHE C 153 -9.66 17.76 -6.56
C PHE C 153 -9.26 17.41 -5.13
N CYS C 154 -9.85 18.10 -4.16
CA CYS C 154 -9.59 17.83 -2.74
C CYS C 154 -10.76 18.24 -1.86
N VAL C 155 -10.78 17.71 -0.64
CA VAL C 155 -11.84 18.04 0.32
C VAL C 155 -11.42 17.65 1.74
N ASP C 156 -11.81 18.47 2.72
CA ASP C 156 -11.53 18.21 4.13
C ASP C 156 -12.66 17.39 4.74
N SER C 157 -12.30 16.24 5.33
CA SER C 157 -13.30 15.32 5.88
C SER C 157 -14.00 15.88 7.13
N ILE C 158 -13.34 16.80 7.83
CA ILE C 158 -13.94 17.47 8.98
C ILE C 158 -15.18 18.26 8.57
N ALA C 159 -15.06 19.03 7.49
CA ALA C 159 -16.17 19.80 6.94
C ALA C 159 -17.31 18.88 6.47
N ALA C 160 -16.94 17.71 5.95
CA ALA C 160 -17.91 16.73 5.48
C ALA C 160 -18.72 16.14 6.63
N LEU C 161 -18.04 15.68 7.67
CA LEU C 161 -18.68 15.06 8.82
C LEU C 161 -19.48 16.04 9.67
N LYS C 162 -19.03 17.29 9.73
CA LYS C 162 -19.79 18.36 10.41
C LYS C 162 -21.17 18.53 9.78
N ALA C 163 -21.22 18.50 8.45
CA ALA C 163 -22.47 18.63 7.71
C ALA C 163 -23.37 17.41 7.88
N LEU C 164 -22.78 16.22 7.74
CA LEU C 164 -23.52 14.97 7.86
C LEU C 164 -24.08 14.74 9.26
N GLU C 165 -23.26 15.03 10.27
CA GLU C 165 -23.62 14.74 11.67
C GLU C 165 -24.65 15.72 12.23
N GLN C 166 -24.59 16.98 11.80
CA GLN C 166 -25.63 17.96 12.14
C GLN C 166 -26.95 17.64 11.42
N ALA C 167 -26.86 16.93 10.29
CA ALA C 167 -28.03 16.44 9.57
C ALA C 167 -28.57 15.16 10.22
N SER C 168 -29.58 14.57 9.57
CA SER C 168 -30.20 13.33 10.06
C SER C 168 -30.28 12.29 8.94
N LYS C 177 -19.11 19.28 19.66
CA LYS C 177 -17.76 19.62 20.08
C LYS C 177 -16.73 18.82 19.27
N SER C 178 -15.77 18.17 19.93
CA SER C 178 -14.55 17.66 19.28
C SER C 178 -14.76 16.90 17.95
N TYR C 179 -14.23 17.47 16.86
CA TYR C 179 -14.25 16.83 15.54
C TYR C 179 -12.86 16.35 15.12
N SER C 180 -12.17 15.67 16.05
CA SER C 180 -10.89 15.04 15.75
C SER C 180 -11.14 13.71 15.04
N LEU C 181 -10.09 13.16 14.42
CA LEU C 181 -10.19 11.86 13.77
C LEU C 181 -10.53 10.76 14.78
N GLY C 182 -9.83 10.76 15.91
CA GLY C 182 -10.05 9.78 16.96
C GLY C 182 -11.38 9.96 17.69
N SER C 183 -11.82 11.22 17.84
CA SER C 183 -13.06 11.53 18.53
C SER C 183 -14.29 11.10 17.73
N ILE C 184 -14.22 11.25 16.41
CA ILE C 184 -15.32 10.84 15.52
C ILE C 184 -15.45 9.32 15.46
N TYR C 185 -14.31 8.63 15.28
CA TYR C 185 -14.30 7.18 15.18
C TYR C 185 -14.86 6.50 16.43
N THR C 186 -14.48 7.00 17.60
CA THR C 186 -14.97 6.47 18.88
C THR C 186 -16.45 6.78 19.10
N ARG C 187 -16.92 7.91 18.59
CA ARG C 187 -18.34 8.26 18.67
C ARG C 187 -19.20 7.31 17.86
N LEU C 188 -18.77 7.02 16.63
CA LEU C 188 -19.56 6.25 15.68
C LEU C 188 -19.62 4.77 16.03
N TYR C 189 -18.47 4.17 16.33
CA TYR C 189 -18.38 2.72 16.52
C TYR C 189 -18.01 2.26 17.94
N TRP C 190 -17.64 3.21 18.81
CA TRP C 190 -17.29 2.94 20.20
C TRP C 190 -16.09 1.99 20.34
N GLN C 191 -15.06 2.24 19.54
CA GLN C 191 -13.82 1.50 19.58
C GLN C 191 -12.64 2.45 19.46
N ALA C 192 -11.48 2.03 19.96
CA ALA C 192 -10.24 2.78 19.78
C ALA C 192 -9.71 2.55 18.37
N PRO C 193 -9.15 3.60 17.73
CA PRO C 193 -8.56 3.39 16.40
C PRO C 193 -7.41 2.38 16.42
N THR C 194 -7.37 1.51 15.41
CA THR C 194 -6.29 0.53 15.27
C THR C 194 -5.07 1.20 14.63
N ASP C 195 -3.92 1.06 15.28
CA ASP C 195 -2.66 1.64 14.81
C ASP C 195 -2.78 3.14 14.52
N SER C 196 -2.80 3.94 15.58
CA SER C 196 -2.73 5.39 15.46
C SER C 196 -1.30 5.80 15.12
N ALA C 197 -1.16 7.03 14.62
CA ALA C 197 0.16 7.60 14.34
C ALA C 197 0.94 6.77 13.33
N THR C 198 0.25 6.38 12.25
CA THR C 198 0.86 5.73 11.10
C THR C 198 0.07 6.14 9.86
N ALA C 199 0.78 6.57 8.82
CA ALA C 199 0.14 7.10 7.60
C ALA C 199 -1.03 6.24 7.15
N GLU C 200 -0.81 4.93 7.10
CA GLU C 200 -1.82 3.98 6.67
C GLU C 200 -2.94 3.82 7.70
N GLY C 201 -2.56 3.67 8.97
CA GLY C 201 -3.52 3.49 10.05
C GLY C 201 -4.53 4.62 10.17
N ASP C 202 -4.06 5.85 9.94
CA ASP C 202 -4.94 7.02 9.98
C ASP C 202 -5.83 7.09 8.74
N VAL C 203 -5.30 6.66 7.60
CA VAL C 203 -6.08 6.61 6.35
C VAL C 203 -7.20 5.58 6.44
N LEU C 204 -6.89 4.42 7.01
CA LEU C 204 -7.89 3.36 7.20
C LEU C 204 -8.97 3.80 8.19
N THR C 205 -8.56 4.55 9.22
CA THR C 205 -9.50 5.12 10.19
C THR C 205 -10.41 6.15 9.51
N LEU C 206 -9.82 6.97 8.64
CA LEU C 206 -10.59 7.96 7.88
C LEU C 206 -11.60 7.30 6.94
N LEU C 207 -11.19 6.22 6.30
CA LEU C 207 -12.07 5.46 5.41
C LEU C 207 -13.29 4.94 6.16
N SER C 208 -13.06 4.35 7.33
CA SER C 208 -14.13 3.82 8.17
C SER C 208 -15.16 4.88 8.53
N ILE C 209 -14.68 6.07 8.89
CA ILE C 209 -15.55 7.22 9.19
C ILE C 209 -16.39 7.60 7.98
N CYS C 210 -15.77 7.61 6.81
CA CYS C 210 -16.46 7.98 5.58
C CYS C 210 -17.43 6.89 5.10
N GLN C 211 -17.21 5.66 5.53
CA GLN C 211 -18.13 4.56 5.22
C GLN C 211 -19.37 4.55 6.14
N TRP C 212 -19.43 5.48 7.10
CA TRP C 212 -20.57 5.59 8.01
C TRP C 212 -21.87 5.82 7.23
N LYS C 213 -21.91 6.90 6.46
CA LYS C 213 -22.99 7.14 5.51
C LYS C 213 -22.35 7.52 4.17
N PRO C 214 -22.03 6.52 3.34
CA PRO C 214 -21.19 6.71 2.16
C PRO C 214 -21.88 7.47 1.02
N GLN C 215 -23.09 7.05 0.66
CA GLN C 215 -23.82 7.71 -0.44
C GLN C 215 -24.20 9.15 -0.09
N ALA C 216 -24.38 9.42 1.21
CA ALA C 216 -24.60 10.77 1.70
C ALA C 216 -23.30 11.58 1.66
N LEU C 217 -22.20 10.93 2.05
CA LEU C 217 -20.88 11.57 2.01
C LEU C 217 -20.45 11.87 0.58
N LEU C 218 -20.64 10.91 -0.32
CA LEU C 218 -20.31 11.09 -1.73
C LEU C 218 -20.94 12.34 -2.31
N GLN C 219 -22.25 12.49 -2.09
CA GLN C 219 -23.02 13.60 -2.66
C GLN C 219 -22.58 14.95 -2.10
N TRP C 220 -22.12 14.96 -0.85
CA TRP C 220 -21.58 16.19 -0.24
C TRP C 220 -20.23 16.55 -0.83
N VAL C 221 -19.39 15.54 -1.06
CA VAL C 221 -18.07 15.74 -1.66
C VAL C 221 -18.20 16.36 -3.06
N ASP C 222 -19.15 15.86 -3.84
CA ASP C 222 -19.41 16.38 -5.19
C ASP C 222 -19.65 17.90 -5.20
N GLU C 223 -20.46 18.36 -4.24
CA GLU C 223 -20.88 19.75 -4.18
C GLU C 223 -19.89 20.67 -3.47
N HIS C 224 -18.94 20.09 -2.73
CA HIS C 224 -17.94 20.88 -1.99
C HIS C 224 -16.50 20.56 -2.39
N ALA C 225 -16.31 19.73 -3.41
CA ALA C 225 -14.97 19.38 -3.88
C ALA C 225 -14.37 20.53 -4.69
N ARG C 226 -13.11 20.85 -4.42
CA ARG C 226 -12.41 21.91 -5.15
C ARG C 226 -11.07 21.41 -5.67
N PRO C 227 -10.52 22.07 -6.72
CA PRO C 227 -9.23 21.66 -7.26
C PRO C 227 -8.09 21.82 -6.24
N PHE C 228 -7.13 20.90 -6.27
CA PHE C 228 -5.99 20.96 -5.35
C PHE C 228 -5.11 22.19 -5.60
N SER C 229 -5.07 22.64 -6.84
CA SER C 229 -4.27 23.82 -7.21
C SER C 229 -4.75 25.11 -6.54
N THR C 230 -6.02 25.14 -6.12
CA THR C 230 -6.56 26.28 -5.38
C THR C 230 -6.08 26.33 -3.93
N VAL C 231 -5.64 25.18 -3.41
CA VAL C 231 -5.14 25.10 -2.04
C VAL C 231 -3.81 25.82 -1.92
N LYS C 232 -3.80 26.90 -1.13
CA LYS C 232 -2.58 27.68 -0.89
C LYS C 232 -1.62 26.87 -0.03
N PRO C 233 -0.30 27.04 -0.25
CA PRO C 233 0.69 26.26 0.49
C PRO C 233 0.86 26.72 1.94
N MET C 234 1.58 25.92 2.73
CA MET C 234 1.83 26.23 4.13
C MET C 234 2.90 27.29 4.28
N TYR C 235 3.94 27.22 3.45
CA TYR C 235 5.01 28.23 3.43
C TYR C 235 5.77 28.25 2.10
N GLY C 236 6.70 29.21 1.97
CA GLY C 236 7.53 29.32 0.77
C GLY C 236 6.83 30.06 -0.36
N GLY D 11 26.20 -7.37 -4.92
CA GLY D 11 26.87 -8.45 -4.11
C GLY D 11 26.44 -8.48 -2.65
N HIS D 12 25.26 -7.93 -2.37
CA HIS D 12 24.70 -7.86 -1.01
C HIS D 12 23.36 -7.13 -1.07
N MET D 13 22.29 -7.78 -0.61
CA MET D 13 20.94 -7.23 -0.77
C MET D 13 20.59 -6.21 0.32
N GLN D 14 20.22 -5.00 -0.10
CA GLN D 14 19.90 -3.92 0.82
C GLN D 14 18.40 -3.80 1.10
N THR D 15 17.57 -4.23 0.14
CA THR D 15 16.12 -4.14 0.32
C THR D 15 15.40 -5.37 -0.25
N LEU D 16 14.73 -6.12 0.62
CA LEU D 16 13.91 -7.24 0.19
C LEU D 16 12.49 -6.77 -0.13
N ILE D 17 12.07 -6.95 -1.37
CA ILE D 17 10.74 -6.57 -1.81
C ILE D 17 9.85 -7.80 -1.83
N PHE D 18 8.94 -7.90 -0.86
CA PHE D 18 8.01 -9.02 -0.79
C PHE D 18 6.89 -8.83 -1.80
N LEU D 19 6.77 -9.79 -2.71
CA LEU D 19 5.88 -9.67 -3.86
C LEU D 19 4.89 -10.84 -3.93
N ASP D 20 3.67 -10.54 -4.35
CA ASP D 20 2.68 -11.58 -4.65
C ASP D 20 1.63 -11.05 -5.63
N LEU D 21 1.16 -11.92 -6.51
CA LEU D 21 0.16 -11.58 -7.50
C LEU D 21 -1.06 -12.47 -7.35
N GLU D 22 -2.24 -11.91 -7.65
CA GLU D 22 -3.46 -12.68 -7.82
C GLU D 22 -3.84 -12.59 -9.30
N ALA D 23 -4.19 -13.73 -9.89
CA ALA D 23 -4.41 -13.83 -11.34
C ALA D 23 -5.75 -14.49 -11.66
N THR D 24 -6.02 -14.63 -12.96
CA THR D 24 -7.27 -15.23 -13.43
C THR D 24 -7.27 -16.76 -13.34
N GLY D 25 -6.09 -17.37 -13.22
CA GLY D 25 -6.00 -18.82 -13.08
C GLY D 25 -4.58 -19.37 -13.00
N LEU D 26 -4.48 -20.70 -13.12
CA LEU D 26 -3.20 -21.42 -13.06
C LEU D 26 -2.42 -21.25 -14.36
N PRO D 27 -1.11 -21.57 -14.35
CA PRO D 27 -0.28 -21.40 -15.56
C PRO D 27 -0.83 -22.07 -16.81
N SER D 28 -1.42 -23.26 -16.65
CA SER D 28 -1.98 -24.01 -17.78
C SER D 28 -3.11 -23.26 -18.51
N SER D 29 -3.75 -22.32 -17.81
CA SER D 29 -4.84 -21.53 -18.40
C SER D 29 -4.38 -20.20 -19.02
N ARG D 30 -3.06 -19.96 -19.05
CA ARG D 30 -2.50 -18.74 -19.62
C ARG D 30 -3.10 -17.50 -18.95
N PRO D 31 -2.80 -17.28 -17.66
CA PRO D 31 -3.51 -16.28 -16.86
C PRO D 31 -3.02 -14.84 -17.06
N GLU D 32 -3.79 -13.89 -16.53
CA GLU D 32 -3.43 -12.48 -16.52
C GLU D 32 -3.64 -11.92 -15.10
N VAL D 33 -2.78 -10.98 -14.71
CA VAL D 33 -2.79 -10.46 -13.34
C VAL D 33 -4.02 -9.61 -13.04
N THR D 34 -4.73 -9.96 -11.96
CA THR D 34 -5.89 -9.22 -11.51
C THR D 34 -5.56 -8.29 -10.34
N GLU D 35 -4.48 -8.59 -9.61
CA GLU D 35 -4.05 -7.77 -8.47
C GLU D 35 -2.59 -8.07 -8.13
N LEU D 36 -1.85 -7.04 -7.74
CA LEU D 36 -0.47 -7.22 -7.25
C LEU D 36 -0.21 -6.41 -5.99
N CYS D 37 0.81 -6.84 -5.24
CA CYS D 37 1.23 -6.13 -4.04
C CYS D 37 2.72 -6.28 -3.77
N LEU D 38 3.41 -5.14 -3.73
CA LEU D 38 4.82 -5.09 -3.34
C LEU D 38 4.96 -4.52 -1.93
N LEU D 39 5.90 -5.05 -1.16
CA LEU D 39 6.16 -4.57 0.19
C LEU D 39 7.68 -4.50 0.41
N ALA D 40 8.24 -3.30 0.24
CA ALA D 40 9.68 -3.10 0.38
C ALA D 40 10.08 -2.96 1.83
N VAL D 41 11.12 -3.69 2.22
CA VAL D 41 11.66 -3.64 3.58
C VAL D 41 13.18 -3.70 3.52
N HIS D 42 13.83 -2.79 4.24
CA HIS D 42 15.29 -2.69 4.24
C HIS D 42 15.91 -3.89 4.96
N ARG D 43 17.15 -4.23 4.58
CA ARG D 43 17.90 -5.32 5.20
C ARG D 43 17.87 -5.23 6.73
N ARG D 44 18.23 -4.06 7.26
CA ARG D 44 18.39 -3.89 8.71
C ARG D 44 17.05 -3.82 9.45
N ALA D 45 15.95 -3.65 8.71
CA ALA D 45 14.61 -3.77 9.29
C ALA D 45 14.34 -5.21 9.74
N LEU D 46 14.72 -6.17 8.91
CA LEU D 46 14.59 -7.59 9.24
C LEU D 46 15.59 -8.01 10.31
N GLU D 47 16.83 -7.55 10.19
CA GLU D 47 17.87 -7.84 11.19
C GLU D 47 17.40 -7.41 12.59
N ASN D 48 16.78 -6.23 12.65
CA ASN D 48 16.17 -5.75 13.89
C ASN D 48 14.75 -6.33 14.03
N THR D 49 14.69 -7.62 14.35
CA THR D 49 13.43 -8.34 14.55
C THR D 49 13.64 -9.45 15.59
N SER D 50 12.58 -9.76 16.33
CA SER D 50 12.65 -10.78 17.38
C SER D 50 12.81 -12.18 16.79
N ILE D 51 13.78 -12.94 17.30
CA ILE D 51 13.91 -14.35 16.98
C ILE D 51 12.73 -15.08 17.63
N SER D 52 11.93 -15.76 16.80
CA SER D 52 10.70 -16.39 17.26
C SER D 52 10.96 -17.51 18.26
N GLN D 53 10.76 -17.20 19.54
CA GLN D 53 10.93 -18.17 20.62
C GLN D 53 9.61 -18.37 21.37
N GLY D 54 9.54 -19.45 22.14
CA GLY D 54 8.32 -19.85 22.83
C GLY D 54 7.59 -20.92 22.03
N HIS D 55 6.75 -21.70 22.71
CA HIS D 55 5.99 -22.77 22.08
C HIS D 55 4.50 -22.62 22.36
N PRO D 56 3.72 -22.14 21.37
CA PRO D 56 4.16 -21.54 20.10
C PRO D 56 4.71 -20.12 20.22
N PRO D 57 5.51 -19.67 19.23
CA PRO D 57 6.00 -18.30 19.20
C PRO D 57 4.93 -17.33 18.68
N PRO D 58 4.99 -16.06 19.11
CA PRO D 58 4.02 -15.08 18.64
C PRO D 58 4.31 -14.65 17.21
N VAL D 59 3.28 -14.20 16.49
CA VAL D 59 3.47 -13.70 15.13
C VAL D 59 4.26 -12.40 15.17
N PRO D 60 5.43 -12.36 14.50
CA PRO D 60 6.28 -11.17 14.60
C PRO D 60 5.62 -9.92 14.03
N ARG D 61 5.82 -8.80 14.70
CA ARG D 61 5.30 -7.50 14.27
C ARG D 61 6.01 -7.08 12.99
N PRO D 62 5.26 -6.61 11.97
CA PRO D 62 5.93 -6.06 10.79
C PRO D 62 6.77 -4.83 11.16
N PRO D 63 7.85 -4.57 10.40
CA PRO D 63 8.72 -3.43 10.74
C PRO D 63 8.01 -2.09 10.55
N ARG D 64 8.47 -1.07 11.25
CA ARG D 64 7.85 0.26 11.18
C ARG D 64 8.07 0.88 9.82
N VAL D 65 9.33 1.11 9.47
CA VAL D 65 9.69 1.74 8.20
C VAL D 65 9.55 0.72 7.06
N VAL D 66 8.46 0.85 6.30
CA VAL D 66 8.15 -0.08 5.22
C VAL D 66 7.37 0.60 4.09
N ASP D 67 7.88 0.53 2.87
CA ASP D 67 7.16 1.02 1.69
C ASP D 67 6.25 -0.08 1.14
N LYS D 68 5.03 0.29 0.79
CA LYS D 68 4.03 -0.68 0.31
C LYS D 68 3.23 -0.14 -0.87
N LEU D 69 2.85 -1.05 -1.77
CA LEU D 69 2.06 -0.71 -2.96
C LEU D 69 1.13 -1.85 -3.32
N SER D 70 -0.18 -1.64 -3.16
CA SER D 70 -1.19 -2.64 -3.53
C SER D 70 -2.07 -2.05 -4.63
N LEU D 71 -2.14 -2.73 -5.78
CA LEU D 71 -2.89 -2.25 -6.93
C LEU D 71 -3.81 -3.31 -7.51
N CYS D 72 -4.97 -2.87 -8.00
CA CYS D 72 -5.90 -3.74 -8.70
C CYS D 72 -5.81 -3.49 -10.21
N ILE D 73 -5.91 -4.58 -10.98
CA ILE D 73 -5.71 -4.53 -12.43
C ILE D 73 -6.84 -5.26 -13.15
N ALA D 74 -7.29 -4.69 -14.27
CA ALA D 74 -8.32 -5.31 -15.09
C ALA D 74 -7.68 -6.29 -16.07
N PRO D 75 -8.05 -7.57 -16.01
CA PRO D 75 -7.52 -8.53 -16.96
C PRO D 75 -8.23 -8.47 -18.30
N GLY D 76 -7.55 -8.91 -19.36
CA GLY D 76 -8.12 -8.94 -20.70
C GLY D 76 -9.08 -10.09 -20.94
N LYS D 77 -9.09 -11.06 -20.03
CA LYS D 77 -9.97 -12.23 -20.15
C LYS D 77 -10.64 -12.58 -18.83
N ALA D 78 -11.67 -13.42 -18.90
CA ALA D 78 -12.47 -13.79 -17.74
C ALA D 78 -11.71 -14.68 -16.77
N CYS D 79 -12.12 -14.64 -15.50
CA CYS D 79 -11.51 -15.46 -14.45
C CYS D 79 -12.24 -16.80 -14.34
N SER D 80 -11.50 -17.83 -13.94
CA SER D 80 -12.10 -19.16 -13.73
C SER D 80 -12.91 -19.16 -12.43
N PRO D 81 -13.97 -20.00 -12.37
CA PRO D 81 -14.83 -20.04 -11.18
C PRO D 81 -14.08 -20.28 -9.86
N GLY D 82 -13.09 -21.17 -9.90
CA GLY D 82 -12.27 -21.48 -8.73
C GLY D 82 -11.37 -20.33 -8.30
N ALA D 83 -10.78 -19.65 -9.27
CA ALA D 83 -9.92 -18.49 -9.01
C ALA D 83 -10.74 -17.29 -8.55
N SER D 84 -11.94 -17.13 -9.11
CA SER D 84 -12.84 -16.03 -8.75
C SER D 84 -13.34 -16.13 -7.31
N GLU D 85 -13.64 -17.36 -6.87
CA GLU D 85 -14.21 -17.60 -5.56
C GLU D 85 -13.23 -17.30 -4.43
N ILE D 86 -12.03 -17.86 -4.52
CA ILE D 86 -11.02 -17.69 -3.45
C ILE D 86 -10.55 -16.24 -3.33
N THR D 87 -10.26 -15.60 -4.46
CA THR D 87 -9.81 -14.20 -4.46
C THR D 87 -10.98 -13.24 -4.23
N GLY D 88 -12.18 -13.64 -4.64
CA GLY D 88 -13.36 -12.79 -4.54
C GLY D 88 -13.31 -11.65 -5.54
N LEU D 89 -12.79 -11.92 -6.73
CA LEU D 89 -12.65 -10.94 -7.80
C LEU D 89 -13.23 -11.45 -9.10
N SER D 90 -13.55 -10.52 -10.00
CA SER D 90 -14.01 -10.86 -11.35
C SER D 90 -13.70 -9.71 -12.31
N LYS D 91 -13.59 -10.05 -13.59
CA LYS D 91 -13.33 -9.05 -14.63
C LYS D 91 -14.48 -8.03 -14.71
N ALA D 92 -15.70 -8.51 -14.53
CA ALA D 92 -16.89 -7.64 -14.53
C ALA D 92 -16.82 -6.57 -13.45
N GLU D 93 -16.42 -6.97 -12.25
CA GLU D 93 -16.32 -6.05 -11.11
C GLU D 93 -15.14 -5.09 -11.25
N LEU D 94 -14.01 -5.60 -11.74
CA LEU D 94 -12.81 -4.77 -11.94
C LEU D 94 -13.03 -3.70 -13.01
N GLU D 95 -13.72 -4.08 -14.08
CA GLU D 95 -14.04 -3.15 -15.17
C GLU D 95 -15.01 -2.05 -14.73
N VAL D 96 -16.02 -2.41 -13.95
CA VAL D 96 -17.05 -1.47 -13.50
C VAL D 96 -16.50 -0.41 -12.55
N GLN D 97 -15.47 -0.77 -11.78
CA GLN D 97 -14.79 0.19 -10.88
C GLN D 97 -13.64 0.93 -11.57
N GLY D 98 -13.52 0.77 -12.89
CA GLY D 98 -12.59 1.56 -13.69
C GLY D 98 -11.13 1.22 -13.52
N ARG D 99 -10.84 -0.03 -13.17
CA ARG D 99 -9.45 -0.47 -13.05
C ARG D 99 -8.86 -0.62 -14.45
N GLN D 100 -7.72 0.01 -14.69
CA GLN D 100 -7.08 -0.03 -16.00
C GLN D 100 -6.36 -1.36 -16.22
N ARG D 101 -5.94 -1.60 -17.46
CA ARG D 101 -5.26 -2.84 -17.84
C ARG D 101 -3.83 -2.85 -17.32
N PHE D 102 -3.13 -3.96 -17.53
CA PHE D 102 -1.70 -4.03 -17.27
C PHE D 102 -0.98 -3.25 -18.37
N ASP D 103 -0.82 -1.94 -18.14
CA ASP D 103 -0.37 -1.01 -19.18
C ASP D 103 1.03 -0.47 -18.91
N ASP D 104 1.52 0.36 -19.84
CA ASP D 104 2.84 0.98 -19.72
C ASP D 104 2.93 1.90 -18.49
N ASN D 105 1.81 2.53 -18.15
CA ASN D 105 1.73 3.37 -16.94
C ASN D 105 2.06 2.58 -15.66
N LEU D 106 1.61 1.33 -15.61
CA LEU D 106 1.90 0.46 -14.47
C LEU D 106 3.40 0.18 -14.34
N ALA D 107 4.07 -0.02 -15.47
CA ALA D 107 5.51 -0.28 -15.49
C ALA D 107 6.30 0.92 -14.96
N ILE D 108 5.82 2.12 -15.27
CA ILE D 108 6.42 3.36 -14.77
C ILE D 108 6.26 3.43 -13.26
N LEU D 109 5.06 3.09 -12.78
CA LEU D 109 4.73 3.11 -11.36
C LEU D 109 5.62 2.15 -10.55
N LEU D 110 5.89 0.98 -11.11
CA LEU D 110 6.79 0.01 -10.49
C LEU D 110 8.21 0.54 -10.43
N ARG D 111 8.69 1.07 -11.56
CA ARG D 111 10.07 1.56 -11.64
C ARG D 111 10.31 2.72 -10.67
N ALA D 112 9.34 3.62 -10.57
CA ALA D 112 9.42 4.74 -9.65
C ALA D 112 9.45 4.27 -8.20
N PHE D 113 8.64 3.24 -7.91
CA PHE D 113 8.59 2.64 -6.58
C PHE D 113 9.90 1.91 -6.28
N LEU D 114 10.39 1.16 -7.25
CA LEU D 114 11.65 0.40 -7.11
C LEU D 114 12.84 1.31 -6.84
N GLN D 115 12.94 2.40 -7.58
CA GLN D 115 14.11 3.28 -7.50
C GLN D 115 14.26 3.92 -6.12
N ARG D 116 13.15 4.13 -5.42
CA ARG D 116 13.18 4.61 -4.04
C ARG D 116 13.88 3.63 -3.09
N GLN D 117 13.75 2.34 -3.38
CA GLN D 117 14.31 1.30 -2.52
C GLN D 117 15.82 1.17 -2.78
N PRO D 118 16.65 1.30 -1.72
CA PRO D 118 18.10 1.15 -1.83
C PRO D 118 18.53 -0.11 -2.58
N GLN D 119 19.26 0.07 -3.66
CA GLN D 119 19.72 -1.06 -4.47
C GLN D 119 20.93 -1.70 -3.81
N PRO D 120 21.18 -3.00 -4.09
CA PRO D 120 20.37 -3.89 -4.91
C PRO D 120 19.18 -4.48 -4.17
N CYS D 121 18.00 -4.42 -4.78
CA CYS D 121 16.78 -4.99 -4.21
C CYS D 121 16.52 -6.38 -4.78
N CYS D 122 16.00 -7.27 -3.93
CA CYS D 122 15.66 -8.63 -4.35
C CYS D 122 14.19 -8.92 -4.09
N LEU D 123 13.48 -9.33 -5.14
CA LEU D 123 12.07 -9.72 -5.03
C LEU D 123 11.95 -11.04 -4.29
N VAL D 124 10.86 -11.20 -3.54
CA VAL D 124 10.58 -12.43 -2.83
C VAL D 124 9.12 -12.81 -3.02
N ALA D 125 8.88 -13.96 -3.63
CA ALA D 125 7.51 -14.44 -3.91
C ALA D 125 7.41 -15.94 -3.65
N HIS D 126 6.31 -16.36 -3.04
CA HIS D 126 6.10 -17.77 -2.71
C HIS D 126 5.69 -18.54 -3.95
N ASN D 127 6.45 -19.60 -4.24
CA ASN D 127 6.37 -20.31 -5.52
C ASN D 127 6.63 -19.34 -6.67
N GLY D 128 7.56 -18.41 -6.45
CA GLY D 128 7.86 -17.34 -7.40
C GLY D 128 8.56 -17.81 -8.66
N ASP D 129 9.51 -18.72 -8.52
CA ASP D 129 10.25 -19.24 -9.67
C ASP D 129 9.36 -20.04 -10.63
N ARG D 130 8.22 -20.53 -10.15
CA ARG D 130 7.28 -21.29 -10.98
C ARG D 130 5.96 -20.58 -11.28
N TYR D 131 5.69 -19.44 -10.65
CA TYR D 131 4.43 -18.72 -10.88
C TYR D 131 4.57 -17.20 -10.94
N ASP D 132 4.86 -16.57 -9.80
CA ASP D 132 4.79 -15.10 -9.70
C ASP D 132 5.79 -14.36 -10.58
N PHE D 133 7.00 -14.92 -10.77
CA PHE D 133 8.01 -14.26 -11.60
C PHE D 133 7.78 -14.47 -13.12
N PRO D 134 7.64 -15.74 -13.58
CA PRO D 134 7.34 -15.96 -14.99
C PRO D 134 6.09 -15.24 -15.52
N LEU D 135 5.04 -15.16 -14.68
CA LEU D 135 3.81 -14.46 -15.06
C LEU D 135 4.07 -12.96 -15.18
N LEU D 136 4.71 -12.40 -14.17
CA LEU D 136 5.08 -10.99 -14.16
C LEU D 136 5.97 -10.65 -15.34
N GLN D 137 6.88 -11.56 -15.68
CA GLN D 137 7.75 -11.39 -16.84
C GLN D 137 6.95 -11.41 -18.15
N THR D 138 5.97 -12.31 -18.22
CA THR D 138 5.11 -12.41 -19.40
C THR D 138 4.23 -11.17 -19.58
N GLU D 139 3.76 -10.62 -18.46
CA GLU D 139 2.96 -9.38 -18.50
C GLU D 139 3.81 -8.18 -18.91
N LEU D 140 5.06 -8.15 -18.45
CA LEU D 140 6.01 -7.09 -18.84
C LEU D 140 6.49 -7.27 -20.28
N ALA D 141 6.43 -8.50 -20.79
CA ALA D 141 6.78 -8.78 -22.19
C ALA D 141 5.78 -8.16 -23.16
N ARG D 142 4.51 -8.06 -22.75
CA ARG D 142 3.49 -7.41 -23.56
C ARG D 142 3.73 -5.90 -23.72
N LEU D 143 4.28 -5.27 -22.69
CA LEU D 143 4.46 -3.82 -22.66
C LEU D 143 5.55 -3.36 -23.61
N SER D 144 5.30 -2.27 -24.32
CA SER D 144 6.25 -1.70 -25.28
C SER D 144 7.47 -1.08 -24.60
N THR D 145 7.29 -0.63 -23.35
CA THR D 145 8.39 -0.08 -22.57
C THR D 145 9.31 -1.19 -22.06
N PRO D 146 10.57 -0.84 -21.70
CA PRO D 146 11.49 -1.82 -21.12
C PRO D 146 11.05 -2.30 -19.74
N SER D 147 11.61 -3.42 -19.29
CA SER D 147 11.27 -3.99 -17.99
C SER D 147 11.82 -3.12 -16.86
N PRO D 148 10.97 -2.72 -15.90
CA PRO D 148 11.41 -1.91 -14.77
C PRO D 148 12.14 -2.73 -13.71
N LEU D 149 11.97 -4.05 -13.74
CA LEU D 149 12.64 -4.96 -12.83
C LEU D 149 13.94 -5.50 -13.46
N ASP D 150 14.66 -4.66 -14.18
CA ASP D 150 15.85 -5.10 -14.90
C ASP D 150 17.01 -5.31 -13.93
N GLY D 151 17.33 -4.27 -13.17
CA GLY D 151 18.44 -4.32 -12.21
C GLY D 151 18.15 -5.12 -10.96
N THR D 152 16.86 -5.38 -10.68
CA THR D 152 16.47 -6.08 -9.46
C THR D 152 16.77 -7.57 -9.52
N PHE D 153 16.88 -8.18 -8.34
CA PHE D 153 17.09 -9.62 -8.21
C PHE D 153 15.78 -10.29 -7.79
N CYS D 154 15.81 -11.60 -7.64
CA CYS D 154 14.62 -12.35 -7.22
C CYS D 154 14.99 -13.64 -6.49
N VAL D 155 14.03 -14.18 -5.75
CA VAL D 155 14.22 -15.43 -5.01
C VAL D 155 12.88 -16.06 -4.60
N ASP D 156 12.79 -17.38 -4.67
CA ASP D 156 11.60 -18.12 -4.26
C ASP D 156 11.68 -18.45 -2.77
N SER D 157 10.68 -18.04 -2.00
CA SER D 157 10.68 -18.23 -0.56
C SER D 157 10.54 -19.70 -0.14
N ILE D 158 9.96 -20.53 -1.02
CA ILE D 158 9.84 -21.96 -0.78
C ILE D 158 11.24 -22.59 -0.67
N ALA D 159 12.12 -22.26 -1.60
CA ALA D 159 13.50 -22.74 -1.59
C ALA D 159 14.25 -22.26 -0.36
N ALA D 160 13.92 -21.05 0.11
CA ALA D 160 14.54 -20.46 1.29
C ALA D 160 14.15 -21.22 2.56
N LEU D 161 12.84 -21.41 2.74
CA LEU D 161 12.32 -22.08 3.95
C LEU D 161 12.66 -23.57 4.00
N LYS D 162 12.75 -24.21 2.84
CA LYS D 162 13.19 -25.61 2.78
C LYS D 162 14.61 -25.77 3.33
N ALA D 163 15.48 -24.82 3.02
CA ALA D 163 16.86 -24.83 3.50
C ALA D 163 16.93 -24.52 5.00
N LEU D 164 16.20 -23.49 5.43
CA LEU D 164 16.17 -23.07 6.83
C LEU D 164 15.58 -24.13 7.75
N GLU D 165 14.48 -24.74 7.31
CA GLU D 165 13.72 -25.67 8.15
C GLU D 165 14.40 -27.04 8.26
N GLN D 166 15.08 -27.47 7.20
CA GLN D 166 15.93 -28.67 7.26
C GLN D 166 17.14 -28.45 8.17
N ALA D 167 17.56 -27.18 8.29
CA ALA D 167 18.65 -26.80 9.19
C ALA D 167 18.17 -26.75 10.64
N ARG D 176 7.55 -34.45 6.48
CA ARG D 176 8.58 -34.15 5.49
C ARG D 176 7.93 -33.61 4.21
N LYS D 177 6.94 -32.73 4.34
CA LYS D 177 6.02 -32.49 3.22
C LYS D 177 5.58 -31.04 2.99
N SER D 178 4.27 -30.76 3.04
CA SER D 178 3.68 -29.55 2.44
C SER D 178 4.43 -28.25 2.73
N TYR D 179 4.96 -27.63 1.67
CA TYR D 179 5.61 -26.31 1.77
C TYR D 179 4.76 -25.23 1.08
N SER D 180 3.47 -25.23 1.38
CA SER D 180 2.56 -24.18 0.91
C SER D 180 2.71 -22.96 1.83
N LEU D 181 2.21 -21.81 1.37
CA LEU D 181 2.24 -20.59 2.18
C LEU D 181 1.45 -20.76 3.47
N GLY D 182 0.24 -21.30 3.34
CA GLY D 182 -0.64 -21.54 4.49
C GLY D 182 -0.14 -22.64 5.42
N SER D 183 0.49 -23.65 4.84
CA SER D 183 1.02 -24.79 5.61
C SER D 183 2.20 -24.39 6.49
N ILE D 184 3.06 -23.52 5.96
CA ILE D 184 4.24 -23.04 6.69
C ILE D 184 3.83 -22.12 7.83
N TYR D 185 2.94 -21.17 7.55
CA TYR D 185 2.48 -20.19 8.53
C TYR D 185 1.82 -20.87 9.74
N THR D 186 0.98 -21.86 9.47
CA THR D 186 0.29 -22.61 10.53
C THR D 186 1.26 -23.49 11.33
N ARG D 187 2.30 -24.00 10.67
CA ARG D 187 3.34 -24.78 11.37
C ARG D 187 4.12 -23.92 12.36
N LEU D 188 4.51 -22.73 11.93
CA LEU D 188 5.40 -21.87 12.71
C LEU D 188 4.69 -21.23 13.91
N TYR D 189 3.50 -20.69 13.68
CA TYR D 189 2.80 -19.88 14.70
C TYR D 189 1.49 -20.47 15.21
N TRP D 190 1.01 -21.53 14.56
CA TRP D 190 -0.23 -22.23 14.96
C TRP D 190 -1.46 -21.34 14.85
N GLN D 191 -1.54 -20.55 13.79
CA GLN D 191 -2.69 -19.68 13.53
C GLN D 191 -3.08 -19.75 12.06
N ALA D 192 -4.33 -19.43 11.77
CA ALA D 192 -4.80 -19.32 10.39
C ALA D 192 -4.32 -17.99 9.80
N PRO D 193 -3.91 -17.98 8.51
CA PRO D 193 -3.53 -16.70 7.90
C PRO D 193 -4.68 -15.68 7.87
N THR D 194 -4.36 -14.43 8.18
CA THR D 194 -5.34 -13.35 8.16
C THR D 194 -5.53 -12.87 6.72
N ASP D 195 -6.78 -12.82 6.26
CA ASP D 195 -7.13 -12.41 4.90
C ASP D 195 -6.33 -13.14 3.81
N SER D 196 -6.72 -14.39 3.57
CA SER D 196 -6.16 -15.16 2.46
C SER D 196 -6.76 -14.68 1.16
N ALA D 197 -6.12 -15.01 0.06
CA ALA D 197 -6.62 -14.69 -1.28
C ALA D 197 -6.78 -13.17 -1.49
N THR D 198 -5.76 -12.42 -1.08
CA THR D 198 -5.66 -10.99 -1.35
C THR D 198 -4.18 -10.66 -1.48
N ALA D 199 -3.83 -9.92 -2.54
CA ALA D 199 -2.43 -9.63 -2.85
C ALA D 199 -1.65 -9.19 -1.61
N GLU D 200 -2.23 -8.28 -0.84
CA GLU D 200 -1.59 -7.76 0.37
C GLU D 200 -1.56 -8.79 1.49
N GLY D 201 -2.69 -9.46 1.71
CA GLY D 201 -2.82 -10.46 2.77
C GLY D 201 -1.82 -11.59 2.65
N ASP D 202 -1.54 -12.02 1.42
CA ASP D 202 -0.56 -13.08 1.17
C ASP D 202 0.87 -12.56 1.31
N VAL D 203 1.10 -11.29 0.95
CA VAL D 203 2.41 -10.66 1.12
C VAL D 203 2.74 -10.49 2.60
N LEU D 204 1.76 -10.08 3.40
CA LEU D 204 1.93 -9.95 4.85
C LEU D 204 2.20 -11.30 5.50
N THR D 205 1.52 -12.33 5.01
CA THR D 205 1.73 -13.70 5.49
C THR D 205 3.15 -14.17 5.15
N LEU D 206 3.60 -13.85 3.94
CA LEU D 206 4.95 -14.18 3.50
C LEU D 206 6.01 -13.48 4.34
N LEU D 207 5.76 -12.21 4.67
CA LEU D 207 6.67 -11.44 5.53
C LEU D 207 6.83 -12.11 6.89
N SER D 208 5.71 -12.49 7.50
CA SER D 208 5.72 -13.15 8.80
C SER D 208 6.56 -14.42 8.80
N ILE D 209 6.41 -15.22 7.76
CA ILE D 209 7.21 -16.44 7.58
C ILE D 209 8.70 -16.11 7.51
N CYS D 210 9.03 -15.06 6.77
CA CYS D 210 10.43 -14.66 6.59
C CYS D 210 11.02 -14.02 7.85
N GLN D 211 10.16 -13.49 8.71
CA GLN D 211 10.58 -12.94 10.01
C GLN D 211 10.82 -14.03 11.07
N TRP D 212 10.59 -15.29 10.72
CA TRP D 212 10.81 -16.41 11.64
C TRP D 212 12.27 -16.46 12.09
N LYS D 213 13.18 -16.60 11.12
CA LYS D 213 14.61 -16.46 11.35
C LYS D 213 15.16 -15.51 10.29
N PRO D 214 15.12 -14.19 10.56
CA PRO D 214 15.39 -13.18 9.55
C PRO D 214 16.85 -13.07 9.12
N GLN D 215 17.77 -12.99 10.08
CA GLN D 215 19.20 -12.88 9.76
C GLN D 215 19.74 -14.15 9.10
N ALA D 216 19.12 -15.29 9.41
CA ALA D 216 19.42 -16.55 8.73
C ALA D 216 18.86 -16.54 7.32
N LEU D 217 17.63 -16.04 7.17
CA LEU D 217 16.97 -15.92 5.87
C LEU D 217 17.72 -14.95 4.95
N LEU D 218 18.10 -13.79 5.49
CA LEU D 218 18.84 -12.78 4.75
C LEU D 218 20.11 -13.36 4.11
N GLN D 219 20.89 -14.08 4.91
CA GLN D 219 22.17 -14.62 4.45
C GLN D 219 21.97 -15.68 3.36
N TRP D 220 20.86 -16.41 3.41
CA TRP D 220 20.53 -17.40 2.39
C TRP D 220 20.14 -16.71 1.08
N VAL D 221 19.36 -15.64 1.20
CA VAL D 221 18.94 -14.86 0.03
C VAL D 221 20.14 -14.31 -0.73
N ASP D 222 21.11 -13.79 0.01
CA ASP D 222 22.34 -13.25 -0.59
C ASP D 222 23.04 -14.25 -1.49
N GLU D 223 23.14 -15.50 -1.04
CA GLU D 223 23.90 -16.52 -1.77
C GLU D 223 23.07 -17.26 -2.82
N HIS D 224 21.75 -17.09 -2.79
CA HIS D 224 20.86 -17.72 -3.78
C HIS D 224 20.02 -16.74 -4.59
N ALA D 225 20.27 -15.44 -4.43
CA ALA D 225 19.54 -14.41 -5.19
C ALA D 225 20.07 -14.32 -6.61
N ARG D 226 19.15 -14.26 -7.58
CA ARG D 226 19.52 -14.15 -8.99
C ARG D 226 18.77 -12.98 -9.65
N PRO D 227 19.30 -12.47 -10.78
CA PRO D 227 18.63 -11.37 -11.47
C PRO D 227 17.26 -11.77 -12.01
N PHE D 228 16.30 -10.85 -11.98
CA PHE D 228 14.96 -11.13 -12.47
C PHE D 228 14.95 -11.37 -13.99
N SER D 229 15.89 -10.75 -14.70
CA SER D 229 16.02 -10.93 -16.15
C SER D 229 16.34 -12.37 -16.57
N THR D 230 16.95 -13.14 -15.67
CA THR D 230 17.23 -14.54 -15.94
C THR D 230 15.98 -15.42 -15.84
N VAL D 231 14.95 -14.94 -15.15
CA VAL D 231 13.69 -15.69 -15.02
C VAL D 231 12.96 -15.73 -16.36
N LYS D 232 12.83 -16.93 -16.91
CA LYS D 232 12.13 -17.12 -18.17
C LYS D 232 10.63 -16.91 -17.98
N PRO D 233 9.94 -16.39 -19.00
CA PRO D 233 8.51 -16.08 -18.89
C PRO D 233 7.63 -17.32 -18.89
N MET D 234 6.35 -17.13 -18.57
CA MET D 234 5.39 -18.22 -18.54
C MET D 234 4.94 -18.59 -19.96
N TYR D 235 4.73 -17.57 -20.80
CA TYR D 235 4.33 -17.77 -22.19
C TYR D 235 4.75 -16.60 -23.09
N GLY D 236 4.54 -16.75 -24.38
CA GLY D 236 4.78 -15.68 -25.35
C GLY D 236 6.24 -15.57 -25.73
#